data_2NX6
#
_entry.id   2NX6
#
_cell.length_a   1.000
_cell.length_b   1.000
_cell.length_c   1.000
_cell.angle_alpha   90.00
_cell.angle_beta   90.00
_cell.angle_gamma   90.00
#
_symmetry.space_group_name_H-M   'P 1'
#
_entity_poly.entity_id   1
_entity_poly.type   'polypeptide(L)'
_entity_poly.pdbx_seq_one_letter_code
;GSSSCPQFPSCSPSCAPQCSQQCCQQP
;
_entity_poly.pdbx_strand_id   A
#
# COMPACT_ATOMS: atom_id res chain seq x y z
N GLY A 1 9.24 -7.76 6.54
CA GLY A 1 8.90 -8.94 5.69
C GLY A 1 7.72 -8.66 4.76
N SER A 2 6.64 -8.12 5.33
CA SER A 2 5.46 -7.81 4.56
C SER A 2 5.38 -6.32 4.24
N SER A 3 4.49 -5.95 3.34
CA SER A 3 4.32 -4.56 2.95
C SER A 3 5.55 -4.06 2.20
N SER A 4 5.46 -4.10 0.88
CA SER A 4 6.57 -3.65 0.02
C SER A 4 6.71 -2.14 0.01
N CYS A 5 5.70 -1.48 0.52
CA CYS A 5 5.69 -0.04 0.62
C CYS A 5 5.77 0.38 2.10
N PRO A 6 6.77 1.19 2.47
CA PRO A 6 6.97 1.59 3.88
C PRO A 6 5.99 2.65 4.42
N GLN A 7 5.25 3.33 3.55
CA GLN A 7 4.31 4.34 3.96
C GLN A 7 3.08 3.71 4.58
N PHE A 8 2.72 2.54 4.11
CA PHE A 8 1.53 1.85 4.57
C PHE A 8 1.80 0.35 4.71
N PRO A 9 1.61 -0.27 5.91
CA PRO A 9 1.88 -1.71 6.09
C PRO A 9 0.74 -2.62 5.63
N SER A 10 -0.40 -2.04 5.32
CA SER A 10 -1.57 -2.79 4.90
C SER A 10 -1.89 -2.65 3.41
N CYS A 11 -0.97 -2.07 2.64
CA CYS A 11 -1.22 -1.86 1.21
C CYS A 11 -1.43 -3.17 0.47
N SER A 12 -2.63 -3.37 -0.06
CA SER A 12 -2.92 -4.57 -0.83
C SER A 12 -1.90 -4.72 -1.93
N PRO A 13 -1.48 -5.95 -2.28
CA PRO A 13 -0.51 -6.11 -3.35
C PRO A 13 -0.94 -5.31 -4.58
N SER A 14 -2.26 -5.14 -4.72
CA SER A 14 -2.80 -4.39 -5.86
C SER A 14 -2.46 -2.90 -5.78
N CYS A 15 -2.49 -2.35 -4.59
CA CYS A 15 -2.18 -0.95 -4.39
C CYS A 15 -0.68 -0.75 -4.21
N ALA A 16 0.12 -1.78 -4.42
CA ALA A 16 1.56 -1.66 -4.26
C ALA A 16 2.28 -2.05 -5.57
N PRO A 17 3.51 -1.53 -5.81
CA PRO A 17 4.24 -0.65 -4.90
C PRO A 17 4.08 0.84 -5.16
N GLN A 18 3.00 1.25 -5.82
CA GLN A 18 2.77 2.68 -6.09
C GLN A 18 2.99 3.49 -4.81
N CYS A 19 2.78 2.83 -3.70
CA CYS A 19 2.98 3.41 -2.37
C CYS A 19 2.16 4.69 -2.13
N SER A 20 0.87 4.68 -2.46
CA SER A 20 0.03 5.85 -2.23
C SER A 20 -1.12 5.52 -1.28
N GLN A 21 -1.29 6.34 -0.25
CA GLN A 21 -2.35 6.15 0.73
C GLN A 21 -3.72 6.01 0.08
N GLN A 22 -3.90 6.68 -1.04
CA GLN A 22 -5.19 6.66 -1.74
C GLN A 22 -5.68 5.23 -2.01
N CYS A 23 -4.87 4.42 -2.68
CA CYS A 23 -5.27 3.05 -2.99
C CYS A 23 -5.08 2.13 -1.79
N CYS A 24 -3.92 2.21 -1.15
CA CYS A 24 -3.62 1.35 -0.02
C CYS A 24 -4.55 1.62 1.16
N GLN A 25 -4.93 2.88 1.36
CA GLN A 25 -5.79 3.24 2.48
C GLN A 25 -7.25 3.45 2.11
N GLN A 26 -7.53 4.56 1.45
CA GLN A 26 -8.90 4.88 1.04
C GLN A 26 -8.90 5.97 -0.03
N PRO A 27 -10.05 6.22 -0.69
CA PRO A 27 -10.14 7.25 -1.73
C PRO A 27 -9.92 8.66 -1.17
N GLY A 1 7.14 -11.16 1.27
CA GLY A 1 6.53 -9.88 0.81
C GLY A 1 5.64 -9.27 1.88
N SER A 2 6.26 -8.72 2.93
CA SER A 2 5.51 -8.10 4.01
C SER A 2 5.47 -6.59 3.84
N SER A 3 4.55 -6.11 3.01
CA SER A 3 4.40 -4.69 2.76
C SER A 3 5.63 -4.14 2.02
N SER A 4 5.52 -4.08 0.71
CA SER A 4 6.63 -3.58 -0.12
C SER A 4 6.75 -2.07 -0.08
N CYS A 5 5.72 -1.43 0.44
CA CYS A 5 5.70 0.01 0.57
C CYS A 5 5.76 0.38 2.05
N PRO A 6 6.75 1.19 2.46
CA PRO A 6 6.93 1.57 3.88
C PRO A 6 5.95 2.64 4.43
N GLN A 7 5.22 3.32 3.55
CA GLN A 7 4.29 4.35 3.96
C GLN A 7 3.04 3.74 4.57
N PHE A 8 2.70 2.54 4.11
CA PHE A 8 1.51 1.87 4.58
C PHE A 8 1.78 0.36 4.74
N PRO A 9 1.58 -0.24 5.94
CA PRO A 9 1.85 -1.67 6.14
C PRO A 9 0.74 -2.60 5.68
N SER A 10 -0.40 -2.03 5.36
CA SER A 10 -1.57 -2.79 4.93
C SER A 10 -1.88 -2.66 3.44
N CYS A 11 -0.97 -2.07 2.66
CA CYS A 11 -1.21 -1.87 1.24
C CYS A 11 -1.41 -3.19 0.50
N SER A 12 -2.61 -3.41 -0.03
CA SER A 12 -2.89 -4.62 -0.78
C SER A 12 -1.88 -4.74 -1.90
N PRO A 13 -1.43 -5.97 -2.25
CA PRO A 13 -0.47 -6.13 -3.32
C PRO A 13 -0.92 -5.33 -4.54
N SER A 14 -2.24 -5.17 -4.68
CA SER A 14 -2.79 -4.43 -5.81
C SER A 14 -2.48 -2.95 -5.73
N CYS A 15 -2.50 -2.40 -4.53
CA CYS A 15 -2.22 -0.98 -4.34
C CYS A 15 -0.72 -0.75 -4.17
N ALA A 16 0.09 -1.80 -4.38
CA ALA A 16 1.53 -1.64 -4.23
C ALA A 16 2.23 -2.01 -5.55
N PRO A 17 3.44 -1.48 -5.82
CA PRO A 17 4.19 -0.60 -4.92
C PRO A 17 3.99 0.91 -5.15
N GLN A 18 2.90 1.30 -5.81
CA GLN A 18 2.65 2.73 -6.06
C GLN A 18 2.91 3.55 -4.79
N CYS A 19 2.74 2.87 -3.66
CA CYS A 19 2.96 3.46 -2.35
C CYS A 19 2.13 4.72 -2.10
N SER A 20 0.83 4.66 -2.40
CA SER A 20 -0.04 5.83 -2.17
C SER A 20 -1.18 5.49 -1.23
N GLN A 21 -1.36 6.35 -0.21
CA GLN A 21 -2.41 6.16 0.79
C GLN A 21 -3.78 5.99 0.14
N GLN A 22 -3.99 6.65 -0.98
CA GLN A 22 -5.28 6.61 -1.68
C GLN A 22 -5.75 5.18 -1.94
N CYS A 23 -4.93 4.38 -2.62
CA CYS A 23 -5.31 3.00 -2.93
C CYS A 23 -5.11 2.08 -1.74
N CYS A 24 -3.94 2.16 -1.10
CA CYS A 24 -3.63 1.30 0.02
C CYS A 24 -4.56 1.54 1.21
N GLN A 25 -4.95 2.79 1.42
CA GLN A 25 -5.81 3.12 2.56
C GLN A 25 -7.27 3.33 2.19
N GLN A 26 -7.57 4.44 1.54
CA GLN A 26 -8.93 4.76 1.14
C GLN A 26 -8.93 5.76 -0.02
N PRO A 27 -9.99 5.81 -0.85
CA PRO A 27 -10.05 6.75 -1.98
C PRO A 27 -10.11 8.20 -1.52
N GLY A 1 8.12 -11.62 2.78
CA GLY A 1 7.50 -10.52 1.99
C GLY A 1 6.22 -10.01 2.61
N SER A 2 6.28 -8.81 3.17
CA SER A 2 5.11 -8.20 3.81
C SER A 2 5.14 -6.68 3.67
N SER A 3 4.27 -6.14 2.84
CA SER A 3 4.19 -4.70 2.61
C SER A 3 5.45 -4.21 1.92
N SER A 4 5.39 -4.09 0.62
CA SER A 4 6.54 -3.63 -0.18
C SER A 4 6.70 -2.12 -0.13
N CYS A 5 5.69 -1.46 0.39
CA CYS A 5 5.70 -0.02 0.51
C CYS A 5 5.77 0.36 1.99
N PRO A 6 6.78 1.14 2.41
CA PRO A 6 6.97 1.51 3.84
C PRO A 6 6.02 2.59 4.39
N GLN A 7 5.29 3.28 3.51
CA GLN A 7 4.37 4.33 3.92
C GLN A 7 3.13 3.73 4.56
N PHE A 8 2.77 2.54 4.09
CA PHE A 8 1.58 1.88 4.58
C PHE A 8 1.84 0.37 4.73
N PRO A 9 1.65 -0.22 5.95
CA PRO A 9 1.92 -1.66 6.14
C PRO A 9 0.79 -2.59 5.71
N SER A 10 -0.35 -2.01 5.39
CA SER A 10 -1.53 -2.77 4.98
C SER A 10 -1.85 -2.64 3.49
N CYS A 11 -0.94 -2.07 2.70
CA CYS A 11 -1.20 -1.87 1.28
C CYS A 11 -1.40 -3.18 0.55
N SER A 12 -2.61 -3.41 0.03
CA SER A 12 -2.89 -4.61 -0.73
C SER A 12 -1.89 -4.73 -1.86
N PRO A 13 -1.45 -5.96 -2.20
CA PRO A 13 -0.49 -6.11 -3.27
C PRO A 13 -0.94 -5.33 -4.49
N SER A 14 -2.26 -5.17 -4.62
CA SER A 14 -2.82 -4.43 -5.76
C SER A 14 -2.51 -2.94 -5.68
N CYS A 15 -2.52 -2.38 -4.48
CA CYS A 15 -2.22 -0.98 -4.30
C CYS A 15 -0.73 -0.74 -4.13
N ALA A 16 0.08 -1.78 -4.35
CA ALA A 16 1.52 -1.64 -4.23
C ALA A 16 2.21 -2.01 -5.54
N PRO A 17 3.42 -1.49 -5.82
CA PRO A 17 4.18 -0.62 -4.92
C PRO A 17 3.98 0.88 -5.17
N GLN A 18 2.89 1.29 -5.82
CA GLN A 18 2.64 2.72 -6.07
C GLN A 18 2.93 3.54 -4.82
N CYS A 19 2.77 2.88 -3.68
CA CYS A 19 3.02 3.47 -2.37
C CYS A 19 2.19 4.73 -2.12
N SER A 20 0.89 4.69 -2.40
CA SER A 20 0.03 5.86 -2.18
C SER A 20 -1.13 5.53 -1.24
N GLN A 21 -1.30 6.37 -0.22
CA GLN A 21 -2.36 6.18 0.77
C GLN A 21 -3.73 6.03 0.11
N GLN A 22 -3.93 6.71 -1.01
CA GLN A 22 -5.21 6.68 -1.70
C GLN A 22 -5.70 5.25 -1.97
N CYS A 23 -4.87 4.44 -2.62
CA CYS A 23 -5.26 3.06 -2.93
C CYS A 23 -5.07 2.14 -1.72
N CYS A 24 -3.90 2.22 -1.10
CA CYS A 24 -3.60 1.35 0.04
C CYS A 24 -4.55 1.63 1.22
N GLN A 25 -4.90 2.90 1.40
CA GLN A 25 -5.78 3.27 2.52
C GLN A 25 -7.25 3.40 2.11
N GLN A 26 -7.58 4.45 1.39
CA GLN A 26 -8.97 4.67 0.94
C GLN A 26 -9.86 4.98 2.14
N PRO A 27 -11.16 5.29 1.92
CA PRO A 27 -12.08 5.60 3.01
C PRO A 27 -12.46 4.36 3.82
N GLY A 1 9.68 -8.36 2.71
CA GLY A 1 8.67 -9.45 2.58
C GLY A 1 7.26 -8.98 2.89
N SER A 2 7.13 -8.22 3.98
CA SER A 2 5.83 -7.70 4.39
C SER A 2 5.70 -6.21 4.08
N SER A 3 4.75 -5.87 3.23
CA SER A 3 4.53 -4.48 2.85
C SER A 3 5.70 -3.96 2.04
N SER A 4 5.55 -3.99 0.73
CA SER A 4 6.61 -3.52 -0.18
C SER A 4 6.75 -2.01 -0.15
N CYS A 5 5.73 -1.37 0.38
CA CYS A 5 5.71 0.07 0.51
C CYS A 5 5.79 0.45 2.00
N PRO A 6 6.80 1.25 2.40
CA PRO A 6 6.99 1.62 3.82
C PRO A 6 6.02 2.67 4.38
N GLN A 7 5.26 3.35 3.52
CA GLN A 7 4.33 4.36 3.95
C GLN A 7 3.10 3.73 4.58
N PHE A 8 2.76 2.55 4.11
CA PHE A 8 1.58 1.86 4.60
C PHE A 8 1.87 0.35 4.71
N PRO A 9 1.71 -0.28 5.92
CA PRO A 9 2.00 -1.71 6.08
C PRO A 9 0.86 -2.65 5.65
N SER A 10 -0.28 -2.08 5.36
CA SER A 10 -1.46 -2.86 4.96
C SER A 10 -1.81 -2.71 3.48
N CYS A 11 -0.94 -2.11 2.68
CA CYS A 11 -1.23 -1.88 1.28
C CYS A 11 -1.41 -3.19 0.51
N SER A 12 -2.62 -3.43 0.02
CA SER A 12 -2.89 -4.62 -0.77
C SER A 12 -1.91 -4.69 -1.92
N PRO A 13 -1.45 -5.89 -2.32
CA PRO A 13 -0.51 -5.99 -3.43
C PRO A 13 -1.02 -5.16 -4.60
N SER A 14 -2.35 -5.03 -4.71
CA SER A 14 -2.95 -4.27 -5.79
C SER A 14 -2.66 -2.78 -5.69
N CYS A 15 -2.64 -2.27 -4.47
CA CYS A 15 -2.36 -0.85 -4.26
C CYS A 15 -0.87 -0.59 -4.11
N ALA A 16 -0.05 -1.59 -4.43
CA ALA A 16 1.39 -1.43 -4.32
C ALA A 16 2.07 -1.78 -5.65
N PRO A 17 3.31 -1.31 -5.90
CA PRO A 17 4.10 -0.50 -4.96
C PRO A 17 4.06 1.01 -5.19
N GLN A 18 3.01 1.53 -5.82
CA GLN A 18 2.91 2.96 -6.04
C GLN A 18 3.06 3.73 -4.73
N CYS A 19 2.81 3.00 -3.66
CA CYS A 19 2.92 3.53 -2.30
C CYS A 19 2.07 4.78 -2.06
N SER A 20 0.80 4.75 -2.46
CA SER A 20 -0.07 5.90 -2.24
C SER A 20 -1.21 5.57 -1.27
N GLN A 21 -1.33 6.39 -0.22
CA GLN A 21 -2.35 6.19 0.79
C GLN A 21 -3.74 6.06 0.18
N GLN A 22 -3.95 6.76 -0.93
CA GLN A 22 -5.25 6.75 -1.60
C GLN A 22 -5.76 5.33 -1.86
N CYS A 23 -4.95 4.51 -2.54
CA CYS A 23 -5.37 3.14 -2.84
C CYS A 23 -5.17 2.22 -1.64
N CYS A 24 -3.99 2.27 -1.02
CA CYS A 24 -3.69 1.41 0.11
C CYS A 24 -4.61 1.68 1.30
N GLN A 25 -4.97 2.95 1.49
CA GLN A 25 -5.82 3.33 2.62
C GLN A 25 -7.29 3.53 2.24
N GLN A 26 -7.57 4.62 1.56
CA GLN A 26 -8.93 4.94 1.13
C GLN A 26 -8.93 6.09 0.12
N PRO A 27 -10.08 6.36 -0.54
CA PRO A 27 -10.17 7.44 -1.51
C PRO A 27 -9.96 8.81 -0.89
N GLY A 1 -0.89 -10.12 2.79
CA GLY A 1 -0.57 -8.71 2.45
C GLY A 1 0.93 -8.46 2.37
N SER A 2 1.37 -7.83 1.29
CA SER A 2 2.78 -7.52 1.10
C SER A 2 3.09 -6.10 1.53
N SER A 3 4.03 -5.96 2.47
CA SER A 3 4.43 -4.65 2.97
C SER A 3 5.65 -4.14 2.22
N SER A 4 5.53 -4.08 0.92
CA SER A 4 6.64 -3.60 0.06
C SER A 4 6.73 -2.08 0.02
N CYS A 5 5.72 -1.43 0.53
CA CYS A 5 5.68 0.01 0.58
C CYS A 5 5.79 0.46 2.05
N PRO A 6 6.78 1.30 2.39
CA PRO A 6 7.00 1.74 3.77
C PRO A 6 6.01 2.78 4.32
N GLN A 7 5.24 3.44 3.46
CA GLN A 7 4.28 4.44 3.88
C GLN A 7 3.06 3.79 4.51
N PHE A 8 2.74 2.59 4.06
CA PHE A 8 1.58 1.89 4.55
C PHE A 8 1.88 0.39 4.71
N PRO A 9 1.71 -0.21 5.91
CA PRO A 9 2.01 -1.64 6.09
C PRO A 9 0.89 -2.59 5.66
N SER A 10 -0.27 -2.03 5.36
CA SER A 10 -1.43 -2.81 4.96
C SER A 10 -1.78 -2.66 3.47
N CYS A 11 -0.89 -2.07 2.68
CA CYS A 11 -1.17 -1.85 1.27
C CYS A 11 -1.39 -3.17 0.54
N SER A 12 -2.62 -3.38 0.04
CA SER A 12 -2.92 -4.58 -0.71
C SER A 12 -1.89 -4.75 -1.81
N PRO A 13 -1.47 -5.98 -2.12
CA PRO A 13 -0.49 -6.18 -3.16
C PRO A 13 -0.90 -5.39 -4.42
N SER A 14 -2.22 -5.23 -4.59
CA SER A 14 -2.74 -4.52 -5.75
C SER A 14 -2.43 -3.02 -5.69
N CYS A 15 -2.48 -2.45 -4.50
CA CYS A 15 -2.20 -1.03 -4.35
C CYS A 15 -0.70 -0.78 -4.23
N ALA A 16 0.11 -1.82 -4.35
CA ALA A 16 1.55 -1.65 -4.25
C ALA A 16 2.21 -1.97 -5.59
N PRO A 17 3.41 -1.43 -5.90
CA PRO A 17 4.18 -0.54 -5.03
C PRO A 17 3.97 0.96 -5.28
N GLN A 18 2.86 1.34 -5.87
CA GLN A 18 2.59 2.77 -6.12
C GLN A 18 2.81 3.55 -4.83
N CYS A 19 2.60 2.85 -3.72
CA CYS A 19 2.79 3.39 -2.38
C CYS A 19 1.98 4.65 -2.11
N SER A 20 0.69 4.66 -2.45
CA SER A 20 -0.15 5.84 -2.19
C SER A 20 -1.29 5.50 -1.24
N GLN A 21 -1.46 6.32 -0.20
CA GLN A 21 -2.50 6.12 0.79
C GLN A 21 -3.87 5.94 0.15
N GLN A 22 -4.09 6.62 -0.96
CA GLN A 22 -5.39 6.56 -1.65
C GLN A 22 -5.84 5.12 -1.90
N CYS A 23 -5.01 4.32 -2.56
CA CYS A 23 -5.37 2.94 -2.86
C CYS A 23 -5.14 2.02 -1.67
N CYS A 24 -3.97 2.13 -1.05
CA CYS A 24 -3.63 1.27 0.08
C CYS A 24 -4.54 1.52 1.28
N GLN A 25 -4.94 2.76 1.49
CA GLN A 25 -5.78 3.09 2.64
C GLN A 25 -7.27 2.93 2.36
N GLN A 26 -7.82 3.84 1.59
CA GLN A 26 -9.24 3.81 1.24
C GLN A 26 -9.44 3.20 -0.14
N PRO A 27 -10.70 2.93 -0.55
CA PRO A 27 -10.98 2.33 -1.86
C PRO A 27 -10.84 3.35 -3.00
N GLY A 1 8.66 -9.81 0.52
CA GLY A 1 8.66 -9.28 1.91
C GLY A 1 7.32 -8.72 2.33
N SER A 2 7.12 -8.57 3.63
CA SER A 2 5.87 -8.03 4.16
C SER A 2 5.78 -6.53 3.93
N SER A 3 4.83 -6.11 3.10
CA SER A 3 4.64 -4.71 2.79
C SER A 3 5.82 -4.16 2.02
N SER A 4 5.69 -4.15 0.70
CA SER A 4 6.78 -3.64 -0.17
C SER A 4 6.84 -2.13 -0.17
N CYS A 5 5.82 -1.51 0.38
CA CYS A 5 5.76 -0.07 0.47
C CYS A 5 5.87 0.34 1.95
N PRO A 6 6.87 1.18 2.31
CA PRO A 6 7.09 1.58 3.72
C PRO A 6 6.12 2.65 4.27
N GLN A 7 5.30 3.23 3.41
CA GLN A 7 4.35 4.25 3.81
C GLN A 7 3.14 3.64 4.49
N PHE A 8 2.77 2.44 4.05
CA PHE A 8 1.61 1.77 4.56
C PHE A 8 1.86 0.26 4.70
N PRO A 9 1.70 -0.34 5.90
CA PRO A 9 1.95 -1.78 6.08
C PRO A 9 0.81 -2.69 5.65
N SER A 10 -0.33 -2.10 5.37
CA SER A 10 -1.52 -2.84 4.97
C SER A 10 -1.87 -2.68 3.48
N CYS A 11 -0.96 -2.11 2.69
CA CYS A 11 -1.24 -1.90 1.28
C CYS A 11 -1.48 -3.21 0.54
N SER A 12 -2.69 -3.41 0.04
CA SER A 12 -3.00 -4.62 -0.71
C SER A 12 -1.97 -4.79 -1.80
N PRO A 13 -1.54 -6.03 -2.10
CA PRO A 13 -0.56 -6.21 -3.15
C PRO A 13 -0.96 -5.44 -4.39
N SER A 14 -2.28 -5.27 -4.58
CA SER A 14 -2.78 -4.56 -5.74
C SER A 14 -2.47 -3.06 -5.69
N CYS A 15 -2.52 -2.48 -4.50
CA CYS A 15 -2.24 -1.07 -4.35
C CYS A 15 -0.74 -0.81 -4.23
N ALA A 16 0.07 -1.87 -4.33
CA ALA A 16 1.51 -1.70 -4.23
C ALA A 16 2.16 -2.03 -5.59
N PRO A 17 3.36 -1.49 -5.91
CA PRO A 17 4.14 -0.60 -5.03
C PRO A 17 3.95 0.89 -5.28
N GLN A 18 2.82 1.29 -5.85
CA GLN A 18 2.57 2.72 -6.09
C GLN A 18 2.86 3.51 -4.81
N CYS A 19 2.68 2.81 -3.70
CA CYS A 19 2.93 3.35 -2.36
C CYS A 19 2.13 4.63 -2.09
N SER A 20 0.83 4.62 -2.38
CA SER A 20 0.01 5.81 -2.12
C SER A 20 -1.18 5.48 -1.20
N GLN A 21 -1.35 6.28 -0.16
CA GLN A 21 -2.42 6.08 0.80
C GLN A 21 -3.78 5.95 0.14
N GLN A 22 -3.96 6.62 -0.97
CA GLN A 22 -5.23 6.61 -1.70
C GLN A 22 -5.73 5.18 -1.97
N CYS A 23 -4.90 4.36 -2.62
CA CYS A 23 -5.30 3.00 -2.93
C CYS A 23 -5.12 2.07 -1.73
N CYS A 24 -3.96 2.16 -1.09
CA CYS A 24 -3.66 1.29 0.05
C CYS A 24 -4.59 1.56 1.22
N GLN A 25 -4.98 2.82 1.41
CA GLN A 25 -5.84 3.17 2.55
C GLN A 25 -7.30 3.39 2.18
N GLN A 26 -7.58 4.51 1.53
CA GLN A 26 -8.94 4.84 1.12
C GLN A 26 -8.92 5.87 -0.01
N PRO A 27 -10.04 6.05 -0.76
CA PRO A 27 -10.10 7.02 -1.85
C PRO A 27 -10.00 8.46 -1.35
N GLY A 1 9.50 -9.00 3.80
CA GLY A 1 8.29 -9.72 4.28
C GLY A 1 7.02 -9.21 3.63
N SER A 2 6.12 -8.66 4.44
CA SER A 2 4.86 -8.13 3.94
C SER A 2 4.92 -6.62 3.78
N SER A 3 4.08 -6.09 2.90
CA SER A 3 4.04 -4.65 2.64
C SER A 3 5.33 -4.19 1.98
N SER A 4 5.30 -4.11 0.67
CA SER A 4 6.48 -3.67 -0.11
C SER A 4 6.66 -2.16 -0.07
N CYS A 5 5.65 -1.48 0.42
CA CYS A 5 5.68 -0.04 0.54
C CYS A 5 5.74 0.34 2.03
N PRO A 6 6.77 1.11 2.45
CA PRO A 6 6.95 1.50 3.87
C PRO A 6 6.00 2.58 4.41
N GLN A 7 5.29 3.28 3.52
CA GLN A 7 4.38 4.32 3.93
C GLN A 7 3.13 3.74 4.55
N PHE A 8 2.76 2.56 4.10
CA PHE A 8 1.56 1.89 4.58
C PHE A 8 1.82 0.38 4.74
N PRO A 9 1.62 -0.20 5.95
CA PRO A 9 1.88 -1.64 6.15
C PRO A 9 0.74 -2.57 5.69
N SER A 10 -0.38 -1.98 5.37
CA SER A 10 -1.57 -2.73 4.95
C SER A 10 -1.87 -2.61 3.46
N CYS A 11 -0.95 -2.04 2.68
CA CYS A 11 -1.19 -1.84 1.26
C CYS A 11 -1.40 -3.16 0.52
N SER A 12 -2.61 -3.36 -0.01
CA SER A 12 -2.89 -4.57 -0.76
C SER A 12 -1.87 -4.71 -1.88
N PRO A 13 -1.45 -5.93 -2.23
CA PRO A 13 -0.48 -6.10 -3.29
C PRO A 13 -0.93 -5.30 -4.52
N SER A 14 -2.25 -5.13 -4.66
CA SER A 14 -2.79 -4.38 -5.80
C SER A 14 -2.45 -2.91 -5.73
N CYS A 15 -2.48 -2.34 -4.52
CA CYS A 15 -2.16 -0.95 -4.34
C CYS A 15 -0.66 -0.73 -4.16
N ALA A 16 0.13 -1.78 -4.39
CA ALA A 16 1.58 -1.64 -4.23
C ALA A 16 2.28 -2.05 -5.53
N PRO A 17 3.51 -1.54 -5.80
CA PRO A 17 4.25 -0.66 -4.90
C PRO A 17 4.06 0.85 -5.16
N GLN A 18 2.99 1.23 -5.84
CA GLN A 18 2.74 2.67 -6.11
C GLN A 18 2.99 3.50 -4.86
N CYS A 19 2.80 2.86 -3.72
CA CYS A 19 3.01 3.46 -2.40
C CYS A 19 2.19 4.73 -2.17
N SER A 20 0.90 4.71 -2.48
CA SER A 20 0.05 5.87 -2.25
C SER A 20 -1.11 5.55 -1.30
N GLN A 21 -1.27 6.38 -0.27
CA GLN A 21 -2.32 6.20 0.72
C GLN A 21 -3.69 6.05 0.08
N GLN A 22 -3.89 6.71 -1.04
CA GLN A 22 -5.19 6.67 -1.74
C GLN A 22 -5.66 5.24 -1.99
N CYS A 23 -4.85 4.43 -2.66
CA CYS A 23 -5.24 3.07 -2.97
C CYS A 23 -5.04 2.15 -1.76
N CYS A 24 -3.88 2.22 -1.14
CA CYS A 24 -3.58 1.36 0.00
C CYS A 24 -4.52 1.65 1.17
N GLN A 25 -4.88 2.90 1.36
CA GLN A 25 -5.75 3.29 2.47
C GLN A 25 -7.21 3.43 2.07
N GLN A 26 -7.53 4.49 1.34
CA GLN A 26 -8.92 4.73 0.90
C GLN A 26 -9.82 5.07 2.08
N PRO A 27 -9.52 6.16 2.82
CA PRO A 27 -10.32 6.56 3.98
C PRO A 27 -11.55 7.36 3.58
N GLY A 1 -1.00 -10.38 1.62
CA GLY A 1 -0.58 -8.99 1.94
C GLY A 1 0.93 -8.81 1.89
N SER A 2 1.38 -7.85 1.09
CA SER A 2 2.80 -7.58 0.94
C SER A 2 3.13 -6.15 1.39
N SER A 3 4.08 -6.04 2.31
CA SER A 3 4.50 -4.74 2.81
C SER A 3 5.70 -4.20 2.05
N SER A 4 5.56 -4.14 0.74
CA SER A 4 6.64 -3.67 -0.15
C SER A 4 6.76 -2.14 -0.13
N CYS A 5 5.75 -1.49 0.40
CA CYS A 5 5.73 -0.05 0.50
C CYS A 5 5.82 0.34 1.99
N PRO A 6 6.83 1.15 2.38
CA PRO A 6 7.04 1.54 3.78
C PRO A 6 6.07 2.60 4.33
N GLN A 7 5.27 3.21 3.47
CA GLN A 7 4.32 4.23 3.87
C GLN A 7 3.11 3.61 4.54
N PHE A 8 2.75 2.42 4.08
CA PHE A 8 1.57 1.73 4.58
C PHE A 8 1.86 0.23 4.71
N PRO A 9 1.69 -0.40 5.91
CA PRO A 9 1.97 -1.83 6.07
C PRO A 9 0.83 -2.75 5.63
N SER A 10 -0.31 -2.16 5.34
CA SER A 10 -1.49 -2.93 4.93
C SER A 10 -1.83 -2.77 3.45
N CYS A 11 -0.94 -2.17 2.65
CA CYS A 11 -1.22 -1.96 1.26
C CYS A 11 -1.42 -3.26 0.50
N SER A 12 -2.63 -3.49 0.00
CA SER A 12 -2.92 -4.69 -0.78
C SER A 12 -1.92 -4.81 -1.90
N PRO A 13 -1.48 -6.04 -2.24
CA PRO A 13 -0.53 -6.18 -3.33
C PRO A 13 -0.98 -5.39 -4.54
N SER A 14 -2.30 -5.23 -4.68
CA SER A 14 -2.85 -4.47 -5.80
C SER A 14 -2.54 -2.99 -5.71
N CYS A 15 -2.56 -2.44 -4.51
CA CYS A 15 -2.27 -1.03 -4.33
C CYS A 15 -0.77 -0.80 -4.18
N ALA A 16 0.04 -1.84 -4.37
CA ALA A 16 1.48 -1.68 -4.25
C ALA A 16 2.14 -2.02 -5.59
N PRO A 17 3.36 -1.49 -5.87
CA PRO A 17 4.12 -0.63 -4.95
C PRO A 17 3.95 0.87 -5.18
N GLN A 18 2.85 1.29 -5.80
CA GLN A 18 2.62 2.73 -6.02
C GLN A 18 2.89 3.51 -4.73
N CYS A 19 2.71 2.83 -3.63
CA CYS A 19 2.93 3.38 -2.30
C CYS A 19 2.12 4.65 -2.03
N SER A 20 0.82 4.61 -2.35
CA SER A 20 -0.05 5.78 -2.11
C SER A 20 -1.20 5.44 -1.17
N GLN A 21 -1.38 6.25 -0.13
CA GLN A 21 -2.43 6.06 0.85
C GLN A 21 -3.81 5.92 0.19
N GLN A 22 -4.00 6.62 -0.92
CA GLN A 22 -5.28 6.59 -1.61
C GLN A 22 -5.77 5.17 -1.89
N CYS A 23 -4.95 4.36 -2.56
CA CYS A 23 -5.33 3.00 -2.88
C CYS A 23 -5.14 2.06 -1.69
N CYS A 24 -3.97 2.14 -1.05
CA CYS A 24 -3.66 1.26 0.07
C CYS A 24 -4.59 1.52 1.25
N GLN A 25 -4.98 2.77 1.46
CA GLN A 25 -5.82 3.12 2.60
C GLN A 25 -7.30 3.24 2.24
N GLN A 26 -7.66 4.29 1.54
CA GLN A 26 -9.06 4.51 1.14
C GLN A 26 -9.37 3.74 -0.15
N PRO A 27 -10.65 3.75 -0.61
CA PRO A 27 -11.02 3.05 -1.83
C PRO A 27 -10.64 3.82 -3.10
N GLY A 1 4.86 -9.47 7.80
CA GLY A 1 3.92 -9.85 6.72
C GLY A 1 4.36 -9.35 5.35
N SER A 2 3.40 -8.97 4.52
CA SER A 2 3.69 -8.48 3.19
C SER A 2 3.47 -6.97 3.10
N SER A 3 4.55 -6.23 2.82
CA SER A 3 4.47 -4.78 2.71
C SER A 3 5.71 -4.24 2.01
N SER A 4 5.63 -4.15 0.70
CA SER A 4 6.75 -3.63 -0.11
C SER A 4 6.84 -2.12 -0.06
N CYS A 5 5.81 -1.51 0.47
CA CYS A 5 5.75 -0.06 0.59
C CYS A 5 5.84 0.31 2.08
N PRO A 6 6.83 1.13 2.48
CA PRO A 6 7.04 1.52 3.89
C PRO A 6 6.07 2.59 4.42
N GLN A 7 5.31 3.23 3.55
CA GLN A 7 4.37 4.27 3.92
C GLN A 7 3.13 3.69 4.57
N PHE A 8 2.76 2.49 4.13
CA PHE A 8 1.56 1.86 4.63
C PHE A 8 1.79 0.34 4.79
N PRO A 9 1.58 -0.24 6.00
CA PRO A 9 1.81 -1.68 6.19
C PRO A 9 0.67 -2.59 5.73
N SER A 10 -0.45 -1.97 5.40
CA SER A 10 -1.65 -2.71 4.96
C SER A 10 -1.93 -2.55 3.46
N CYS A 11 -1.00 -2.00 2.70
CA CYS A 11 -1.23 -1.77 1.28
C CYS A 11 -1.46 -3.09 0.53
N SER A 12 -2.67 -3.27 0.01
CA SER A 12 -2.96 -4.46 -0.77
C SER A 12 -1.92 -4.65 -1.83
N PRO A 13 -1.50 -5.89 -2.13
CA PRO A 13 -0.49 -6.09 -3.15
C PRO A 13 -0.86 -5.30 -4.40
N SER A 14 -2.17 -5.12 -4.62
CA SER A 14 -2.64 -4.39 -5.79
C SER A 14 -2.31 -2.91 -5.72
N CYS A 15 -2.38 -2.33 -4.53
CA CYS A 15 -2.09 -0.91 -4.37
C CYS A 15 -0.59 -0.68 -4.21
N ALA A 16 0.21 -1.75 -4.31
CA ALA A 16 1.65 -1.59 -4.17
C ALA A 16 2.33 -1.93 -5.51
N PRO A 17 3.54 -1.39 -5.78
CA PRO A 17 4.31 -0.52 -4.88
C PRO A 17 4.14 0.98 -5.14
N GLN A 18 3.04 1.39 -5.75
CA GLN A 18 2.80 2.82 -6.00
C GLN A 18 3.02 3.60 -4.70
N CYS A 19 2.77 2.90 -3.60
CA CYS A 19 2.94 3.43 -2.25
C CYS A 19 2.14 4.71 -1.99
N SER A 20 0.86 4.72 -2.35
CA SER A 20 0.02 5.91 -2.12
C SER A 20 -1.15 5.57 -1.20
N GLN A 21 -1.33 6.38 -0.15
CA GLN A 21 -2.40 6.19 0.82
C GLN A 21 -3.76 6.04 0.15
N GLN A 22 -3.94 6.72 -0.97
CA GLN A 22 -5.21 6.70 -1.68
C GLN A 22 -5.68 5.28 -1.97
N CYS A 23 -4.86 4.47 -2.64
CA CYS A 23 -5.23 3.10 -2.96
C CYS A 23 -5.04 2.17 -1.77
N CYS A 24 -3.88 2.25 -1.12
CA CYS A 24 -3.60 1.38 0.01
C CYS A 24 -4.55 1.63 1.17
N GLN A 25 -4.93 2.89 1.38
CA GLN A 25 -5.82 3.24 2.48
C GLN A 25 -7.28 3.38 2.07
N GLN A 26 -7.60 4.44 1.36
CA GLN A 26 -8.99 4.67 0.91
C GLN A 26 -9.92 4.86 2.10
N PRO A 27 -9.67 5.88 2.94
CA PRO A 27 -10.50 6.15 4.12
C PRO A 27 -11.72 7.00 3.80
N GLY A 1 8.18 -10.06 -0.48
CA GLY A 1 6.78 -9.78 -0.87
C GLY A 1 5.97 -9.15 0.25
N SER A 2 4.83 -8.56 -0.11
CA SER A 2 3.97 -7.93 0.88
C SER A 2 4.69 -6.78 1.58
N SER A 3 3.92 -5.83 2.11
CA SER A 3 4.47 -4.68 2.81
C SER A 3 5.69 -4.13 2.09
N SER A 4 5.59 -4.06 0.79
CA SER A 4 6.68 -3.57 -0.06
C SER A 4 6.80 -2.05 -0.03
N CYS A 5 5.77 -1.41 0.48
CA CYS A 5 5.74 0.03 0.60
C CYS A 5 5.80 0.42 2.09
N PRO A 6 6.80 1.23 2.49
CA PRO A 6 6.98 1.62 3.91
C PRO A 6 6.00 2.67 4.45
N GLN A 7 5.24 3.30 3.56
CA GLN A 7 4.28 4.31 3.92
C GLN A 7 3.05 3.71 4.56
N PHE A 8 2.71 2.50 4.13
CA PHE A 8 1.54 1.83 4.63
C PHE A 8 1.82 0.32 4.76
N PRO A 9 1.64 -0.30 5.96
CA PRO A 9 1.92 -1.73 6.14
C PRO A 9 0.80 -2.66 5.68
N SER A 10 -0.35 -2.08 5.38
CA SER A 10 -1.52 -2.85 4.95
C SER A 10 -1.84 -2.70 3.46
N CYS A 11 -0.94 -2.11 2.69
CA CYS A 11 -1.19 -1.88 1.28
C CYS A 11 -1.38 -3.20 0.53
N SER A 12 -2.58 -3.43 0.00
CA SER A 12 -2.85 -4.64 -0.76
C SER A 12 -1.82 -4.76 -1.87
N PRO A 13 -1.37 -5.98 -2.21
CA PRO A 13 -0.40 -6.12 -3.28
C PRO A 13 -0.84 -5.33 -4.50
N SER A 14 -2.16 -5.18 -4.65
CA SER A 14 -2.71 -4.44 -5.79
C SER A 14 -2.40 -2.95 -5.72
N CYS A 15 -2.45 -2.40 -4.52
CA CYS A 15 -2.17 -0.99 -4.32
C CYS A 15 -0.68 -0.74 -4.16
N ALA A 16 0.14 -1.78 -4.32
CA ALA A 16 1.57 -1.61 -4.19
C ALA A 16 2.26 -1.94 -5.52
N PRO A 17 3.48 -1.41 -5.78
CA PRO A 17 4.22 -0.54 -4.85
C PRO A 17 4.05 0.96 -5.08
N GLN A 18 2.95 1.38 -5.71
CA GLN A 18 2.72 2.82 -5.94
C GLN A 18 2.97 3.61 -4.66
N CYS A 19 2.78 2.92 -3.54
CA CYS A 19 2.98 3.47 -2.21
C CYS A 19 2.15 4.74 -1.97
N SER A 20 0.85 4.70 -2.31
CA SER A 20 -0.01 5.86 -2.08
C SER A 20 -1.19 5.51 -1.17
N GLN A 21 -1.40 6.33 -0.13
CA GLN A 21 -2.46 6.12 0.82
C GLN A 21 -3.82 5.97 0.15
N GLN A 22 -4.00 6.66 -0.97
CA GLN A 22 -5.26 6.64 -1.69
C GLN A 22 -5.74 5.21 -1.98
N CYS A 23 -4.90 4.41 -2.62
CA CYS A 23 -5.27 3.03 -2.95
C CYS A 23 -5.10 2.10 -1.75
N CYS A 24 -3.94 2.18 -1.10
CA CYS A 24 -3.65 1.31 0.03
C CYS A 24 -4.61 1.57 1.20
N GLN A 25 -5.00 2.82 1.39
CA GLN A 25 -5.89 3.18 2.49
C GLN A 25 -7.35 3.33 2.08
N GLN A 26 -7.67 4.39 1.37
CA GLN A 26 -9.05 4.64 0.89
C GLN A 26 -10.07 4.48 2.03
N PRO A 27 -11.36 4.74 1.77
CA PRO A 27 -12.40 4.62 2.80
C PRO A 27 -12.75 3.17 3.10
#